data_2AP8
#
_entry.id   2AP8
#
_entity_poly.entity_id   1
_entity_poly.type   'polypeptide(L)'
_entity_poly.pdbx_seq_one_letter_code
;I(DIL)GPVLGLVGSALGGLLKKI
;
_entity_poly.pdbx_strand_id   A
#
# COMPACT_ATOMS: atom_id res chain seq x y z
N ILE A 1 0.08 -12.35 8.09
CA ILE A 1 -0.10 -13.78 7.71
C ILE A 1 -0.98 -13.91 6.46
N GLY A 3 -1.57 -12.17 2.73
CA GLY A 3 -0.87 -12.31 1.48
C GLY A 3 -1.40 -11.34 0.45
N PRO A 4 -2.71 -11.35 0.20
CA PRO A 4 -3.36 -10.46 -0.74
C PRO A 4 -3.72 -9.12 -0.10
N VAL A 5 -3.65 -9.07 1.22
CA VAL A 5 -3.94 -7.83 1.95
C VAL A 5 -2.70 -6.97 1.98
N LEU A 6 -1.55 -7.63 2.08
CA LEU A 6 -0.26 -6.97 2.11
C LEU A 6 -0.06 -6.14 0.84
N GLY A 7 -0.70 -6.56 -0.25
CA GLY A 7 -0.59 -5.85 -1.51
C GLY A 7 -1.46 -4.60 -1.53
N LEU A 8 -2.64 -4.72 -0.93
CA LEU A 8 -3.58 -3.61 -0.86
C LEU A 8 -3.11 -2.58 0.16
N VAL A 9 -2.38 -3.08 1.15
CA VAL A 9 -1.84 -2.27 2.22
C VAL A 9 -0.63 -1.52 1.70
N GLY A 10 0.23 -2.25 1.01
CA GLY A 10 1.40 -1.65 0.42
C GLY A 10 0.99 -0.75 -0.73
N SER A 11 -0.22 -1.00 -1.25
CA SER A 11 -0.75 -0.19 -2.33
C SER A 11 -1.24 1.14 -1.78
N ALA A 12 -1.93 1.08 -0.66
CA ALA A 12 -2.44 2.28 -0.01
C ALA A 12 -1.34 2.97 0.80
N LEU A 13 -0.39 2.17 1.29
CA LEU A 13 0.72 2.70 2.07
C LEU A 13 1.63 3.54 1.19
N GLY A 14 2.05 2.96 0.07
CA GLY A 14 2.88 3.66 -0.87
C GLY A 14 2.10 4.74 -1.59
N GLY A 15 0.78 4.58 -1.59
CA GLY A 15 -0.09 5.53 -2.25
C GLY A 15 0.06 6.95 -1.74
N LEU A 16 -0.15 7.14 -0.44
CA LEU A 16 -0.02 8.45 0.17
C LEU A 16 1.45 8.78 0.35
N LEU A 17 2.28 7.74 0.30
CA LEU A 17 3.71 7.87 0.46
C LEU A 17 4.32 8.67 -0.70
N LYS A 18 4.08 8.20 -1.92
CA LYS A 18 4.61 8.86 -3.12
C LYS A 18 3.72 10.00 -3.57
N LYS A 19 2.59 10.19 -2.90
CA LYS A 19 1.67 11.24 -3.28
C LYS A 19 2.24 12.61 -2.99
N ILE A 20 2.01 13.53 -3.93
CA ILE A 20 2.49 14.89 -3.82
C ILE A 20 1.74 15.67 -2.75
N ILE A 1 -0.46 -14.07 7.61
CA ILE A 1 -1.81 -14.69 7.58
C ILE A 1 -2.51 -14.41 6.25
N GLY A 3 -2.31 -12.20 3.03
CA GLY A 3 -1.56 -12.41 1.82
C GLY A 3 -1.77 -11.26 0.85
N PRO A 4 -3.01 -11.06 0.39
CA PRO A 4 -3.35 -9.98 -0.52
C PRO A 4 -3.62 -8.66 0.21
N VAL A 5 -3.54 -8.70 1.54
CA VAL A 5 -3.77 -7.51 2.35
C VAL A 5 -2.47 -6.72 2.43
N LEU A 6 -1.38 -7.46 2.50
CA LEU A 6 -0.05 -6.88 2.56
C LEU A 6 0.23 -6.04 1.32
N GLY A 7 -0.04 -6.63 0.15
CA GLY A 7 0.18 -5.93 -1.10
C GLY A 7 -0.82 -4.80 -1.29
N LEU A 8 -1.96 -4.91 -0.62
CA LEU A 8 -3.00 -3.91 -0.69
C LEU A 8 -2.63 -2.69 0.15
N VAL A 9 -2.00 -2.97 1.27
CA VAL A 9 -1.56 -1.97 2.21
C VAL A 9 -0.29 -1.33 1.69
N GLY A 10 0.63 -2.18 1.25
CA GLY A 10 1.86 -1.70 0.67
C GLY A 10 1.57 -1.00 -0.63
N SER A 11 0.42 -1.32 -1.22
CA SER A 11 0.00 -0.70 -2.47
C SER A 11 -0.45 0.73 -2.21
N ALA A 12 -1.22 0.90 -1.14
CA ALA A 12 -1.72 2.21 -0.76
C ALA A 12 -0.67 2.98 0.03
N LEU A 13 0.20 2.25 0.73
CA LEU A 13 1.26 2.88 1.52
C LEU A 13 2.18 3.68 0.63
N GLY A 14 2.67 3.05 -0.43
CA GLY A 14 3.54 3.73 -1.36
C GLY A 14 2.79 4.78 -2.13
N GLY A 15 1.46 4.62 -2.16
CA GLY A 15 0.62 5.56 -2.86
C GLY A 15 0.45 6.87 -2.12
N LEU A 16 0.41 6.79 -0.79
CA LEU A 16 0.27 7.96 0.04
C LEU A 16 1.61 8.68 0.13
N LEU A 17 2.68 7.90 0.00
CA LEU A 17 4.02 8.44 0.07
C LEU A 17 4.27 9.42 -1.08
N LYS A 18 4.01 8.96 -2.30
CA LYS A 18 4.19 9.79 -3.48
C LYS A 18 3.13 10.86 -3.58
N LYS A 19 1.87 10.44 -3.54
CA LYS A 19 0.80 11.41 -3.65
C LYS A 19 0.79 12.40 -2.51
N ILE A 20 0.84 13.68 -2.87
CA ILE A 20 0.86 14.75 -1.90
C ILE A 20 -0.45 14.84 -1.14
N ILE A 1 2.44 -10.76 6.47
CA ILE A 1 2.12 -12.20 6.68
C ILE A 1 1.14 -12.72 5.63
N GLY A 3 -0.54 -11.64 1.95
CA GLY A 3 -0.03 -11.71 0.59
C GLY A 3 -0.79 -10.75 -0.30
N PRO A 4 -2.09 -10.97 -0.47
CA PRO A 4 -2.94 -10.11 -1.28
C PRO A 4 -3.46 -8.91 -0.50
N VAL A 5 -3.23 -8.92 0.81
CA VAL A 5 -3.66 -7.82 1.68
C VAL A 5 -2.60 -6.73 1.64
N LEU A 6 -1.36 -7.18 1.59
CA LEU A 6 -0.21 -6.30 1.53
C LEU A 6 -0.35 -5.34 0.34
N GLY A 7 -1.05 -5.80 -0.70
CA GLY A 7 -1.26 -4.97 -1.88
C GLY A 7 -2.33 -3.94 -1.65
N LEU A 8 -3.39 -4.34 -0.95
CA LEU A 8 -4.50 -3.45 -0.65
C LEU A 8 -4.13 -2.49 0.48
N VAL A 9 -3.32 -2.99 1.39
CA VAL A 9 -2.86 -2.22 2.54
C VAL A 9 -1.77 -1.26 2.10
N GLY A 10 -0.79 -1.80 1.39
CA GLY A 10 0.28 -0.99 0.88
C GLY A 10 -0.24 -0.08 -0.20
N SER A 11 -1.39 -0.45 -0.77
CA SER A 11 -2.01 0.37 -1.81
C SER A 11 -2.42 1.71 -1.21
N ALA A 12 -3.13 1.66 -0.09
CA ALA A 12 -3.57 2.85 0.60
C ALA A 12 -2.47 3.40 1.49
N LEU A 13 -1.65 2.50 2.06
CA LEU A 13 -0.57 2.91 2.94
C LEU A 13 0.56 3.54 2.16
N GLY A 14 1.02 2.83 1.13
CA GLY A 14 2.08 3.33 0.29
C GLY A 14 1.57 4.42 -0.62
N GLY A 15 0.26 4.45 -0.79
CA GLY A 15 -0.36 5.46 -1.64
C GLY A 15 -0.04 6.88 -1.21
N LEU A 16 -0.31 7.20 0.05
CA LEU A 16 -0.04 8.52 0.58
C LEU A 16 1.44 8.67 0.88
N LEU A 17 2.08 7.54 1.19
CA LEU A 17 3.49 7.53 1.51
C LEU A 17 4.34 7.82 0.27
N LYS A 18 4.00 7.15 -0.83
CA LYS A 18 4.73 7.32 -2.09
C LYS A 18 4.23 8.52 -2.89
N LYS A 19 3.21 9.20 -2.35
CA LYS A 19 2.58 10.37 -2.99
C LYS A 19 3.49 11.13 -3.96
N ILE A 20 3.83 10.49 -5.07
CA ILE A 20 4.68 11.11 -6.09
C ILE A 20 3.83 11.86 -7.12
N ILE A 1 0.61 -11.25 6.62
CA ILE A 1 -0.09 -12.51 7.02
C ILE A 1 -1.41 -12.64 6.28
N GLY A 3 -1.96 -12.29 3.35
CA GLY A 3 -1.73 -12.64 1.96
C GLY A 3 -1.98 -11.48 1.02
N PRO A 4 -3.07 -11.49 0.24
CA PRO A 4 -3.40 -10.42 -0.69
C PRO A 4 -3.79 -9.12 0.00
N VAL A 5 -3.85 -9.13 1.32
CA VAL A 5 -4.20 -7.94 2.09
C VAL A 5 -2.95 -7.11 2.32
N LEU A 6 -1.85 -7.81 2.51
CA LEU A 6 -0.55 -7.19 2.72
C LEU A 6 -0.14 -6.38 1.50
N GLY A 7 -0.23 -7.00 0.33
CA GLY A 7 0.13 -6.32 -0.90
C GLY A 7 -0.87 -5.25 -1.27
N LEU A 8 -2.09 -5.36 -0.73
CA LEU A 8 -3.14 -4.40 -0.99
C LEU A 8 -2.90 -3.15 -0.16
N VAL A 9 -2.41 -3.38 1.05
CA VAL A 9 -2.11 -2.33 2.00
C VAL A 9 -0.82 -1.65 1.60
N GLY A 10 0.19 -2.46 1.33
CA GLY A 10 1.46 -1.94 0.88
C GLY A 10 1.31 -1.32 -0.49
N SER A 11 0.25 -1.73 -1.19
CA SER A 11 -0.04 -1.18 -2.51
C SER A 11 -0.47 0.27 -2.38
N ALA A 12 -1.37 0.51 -1.43
CA ALA A 12 -1.87 1.85 -1.17
C ALA A 12 -0.90 2.62 -0.27
N LEU A 13 -0.13 1.88 0.53
CA LEU A 13 0.84 2.50 1.42
C LEU A 13 1.81 3.37 0.64
N GLY A 14 2.40 2.77 -0.39
CA GLY A 14 3.32 3.51 -1.23
C GLY A 14 2.61 4.61 -1.98
N GLY A 15 1.30 4.45 -2.09
CA GLY A 15 0.48 5.43 -2.78
C GLY A 15 0.38 6.73 -2.02
N LEU A 16 0.44 6.65 -0.70
CA LEU A 16 0.37 7.82 0.16
C LEU A 16 1.71 8.53 0.13
N LEU A 17 2.77 7.74 -0.07
CA LEU A 17 4.12 8.28 -0.12
C LEU A 17 4.27 9.23 -1.29
N LYS A 18 3.76 8.82 -2.45
CA LYS A 18 3.83 9.62 -3.65
C LYS A 18 2.97 10.87 -3.54
N LYS A 19 1.84 10.75 -2.85
CA LYS A 19 0.96 11.89 -2.72
C LYS A 19 1.59 13.02 -1.93
N ILE A 20 1.42 14.22 -2.48
CA ILE A 20 1.97 15.42 -1.88
C ILE A 20 1.39 15.68 -0.49
N ILE A 1 0.69 -12.38 5.87
CA ILE A 1 0.10 -13.69 5.50
C ILE A 1 -1.27 -13.51 4.84
N GLY A 3 -2.04 -12.18 2.40
CA GLY A 3 -1.92 -12.34 0.97
C GLY A 3 -2.12 -11.04 0.23
N PRO A 4 -3.33 -10.77 -0.31
CA PRO A 4 -3.62 -9.55 -1.04
C PRO A 4 -3.90 -8.37 -0.11
N VAL A 5 -3.87 -8.61 1.20
CA VAL A 5 -4.11 -7.54 2.17
C VAL A 5 -2.81 -6.83 2.46
N LEU A 6 -1.76 -7.61 2.54
CA LEU A 6 -0.43 -7.11 2.81
C LEU A 6 0.04 -6.20 1.68
N GLY A 7 -0.10 -6.67 0.45
CA GLY A 7 0.29 -5.88 -0.70
C GLY A 7 -0.63 -4.70 -0.93
N LEU A 8 -1.85 -4.80 -0.41
CA LEU A 8 -2.85 -3.76 -0.55
C LEU A 8 -2.53 -2.63 0.42
N VAL A 9 -2.04 -3.02 1.58
CA VAL A 9 -1.68 -2.10 2.64
C VAL A 9 -0.37 -1.43 2.29
N GLY A 10 0.59 -2.24 1.89
CA GLY A 10 1.87 -1.72 1.48
C GLY A 10 1.70 -0.92 0.20
N SER A 11 0.62 -1.20 -0.52
CA SER A 11 0.31 -0.49 -1.76
C SER A 11 -0.31 0.86 -1.42
N ALA A 12 -1.25 0.83 -0.49
CA ALA A 12 -1.95 2.04 -0.05
C ALA A 12 -1.03 2.87 0.84
N LEU A 13 -0.16 2.20 1.59
CA LEU A 13 0.76 2.90 2.48
C LEU A 13 1.69 3.79 1.68
N GLY A 14 2.32 3.18 0.68
CA GLY A 14 3.20 3.93 -0.19
C GLY A 14 2.40 4.69 -1.22
N GLY A 15 1.16 4.25 -1.42
CA GLY A 15 0.29 4.89 -2.38
C GLY A 15 0.12 6.37 -2.14
N LEU A 16 -0.35 6.74 -0.95
CA LEU A 16 -0.54 8.13 -0.59
C LEU A 16 0.81 8.76 -0.27
N LEU A 17 1.72 7.93 0.20
CA LEU A 17 3.05 8.39 0.56
C LEU A 17 3.76 8.98 -0.66
N LYS A 18 3.75 8.23 -1.75
CA LYS A 18 4.39 8.67 -3.00
C LYS A 18 3.62 9.82 -3.62
N LYS A 19 2.31 9.69 -3.69
CA LYS A 19 1.51 10.74 -4.30
C LYS A 19 1.62 12.05 -3.56
N ILE A 20 1.75 13.12 -4.33
CA ILE A 20 1.89 14.45 -3.79
C ILE A 20 0.62 14.90 -3.09
N ILE A 1 -1.21 -12.73 9.30
CA ILE A 1 -0.77 -12.22 7.98
C ILE A 1 -1.44 -12.98 6.85
N GLY A 3 -2.00 -12.45 2.45
CA GLY A 3 -1.18 -12.51 1.26
C GLY A 3 -1.54 -11.39 0.32
N PRO A 4 -2.81 -11.34 -0.14
CA PRO A 4 -3.29 -10.31 -1.03
C PRO A 4 -3.68 -9.04 -0.26
N VAL A 5 -3.62 -9.12 1.07
CA VAL A 5 -3.94 -7.98 1.91
C VAL A 5 -2.72 -7.09 2.04
N LEU A 6 -1.57 -7.74 2.08
CA LEU A 6 -0.29 -7.06 2.18
C LEU A 6 -0.09 -6.14 0.98
N GLY A 7 -0.32 -6.67 -0.22
CA GLY A 7 -0.18 -5.88 -1.43
C GLY A 7 -1.25 -4.82 -1.54
N LEU A 8 -2.38 -5.06 -0.87
CA LEU A 8 -3.50 -4.12 -0.87
C LEU A 8 -3.20 -2.95 0.05
N VAL A 9 -2.59 -3.29 1.18
CA VAL A 9 -2.21 -2.34 2.20
C VAL A 9 -0.96 -1.61 1.76
N GLY A 10 0.03 -2.38 1.34
CA GLY A 10 1.25 -1.81 0.84
C GLY A 10 0.98 -1.03 -0.42
N SER A 11 -0.14 -1.36 -1.08
CA SER A 11 -0.52 -0.66 -2.29
C SER A 11 -0.82 0.79 -1.97
N ALA A 12 -1.65 1.00 -0.95
CA ALA A 12 -2.02 2.33 -0.50
C ALA A 12 -0.94 2.90 0.41
N LEU A 13 -0.17 2.01 1.05
CA LEU A 13 0.88 2.43 1.96
C LEU A 13 1.88 3.32 1.24
N GLY A 14 2.36 2.83 0.10
CA GLY A 14 3.30 3.59 -0.70
C GLY A 14 2.60 4.74 -1.39
N GLY A 15 1.28 4.61 -1.50
CA GLY A 15 0.48 5.63 -2.14
C GLY A 15 0.62 6.98 -1.47
N LEU A 16 0.97 6.97 -0.19
CA LEU A 16 1.15 8.20 0.56
C LEU A 16 2.50 8.81 0.21
N LEU A 17 3.44 7.94 -0.14
CA LEU A 17 4.77 8.38 -0.52
C LEU A 17 4.73 9.15 -1.84
N LYS A 18 3.93 8.64 -2.78
CA LYS A 18 3.80 9.27 -4.08
C LYS A 18 2.91 10.49 -4.02
N LYS A 19 1.72 10.32 -3.48
CA LYS A 19 0.79 11.43 -3.41
C LYS A 19 1.33 12.58 -2.58
N ILE A 20 1.07 13.79 -3.06
CA ILE A 20 1.54 14.99 -2.40
C ILE A 20 0.68 15.34 -1.19
N ILE A 1 -0.95 -13.20 8.07
CA ILE A 1 -0.79 -12.68 6.68
C ILE A 1 -2.01 -13.00 5.84
N GLY A 3 -2.09 -11.97 2.55
CA GLY A 3 -1.56 -12.17 1.21
C GLY A 3 -1.82 -10.96 0.34
N PRO A 4 -2.96 -10.91 -0.37
CA PRO A 4 -3.31 -9.78 -1.23
C PRO A 4 -3.67 -8.53 -0.43
N VAL A 5 -3.76 -8.68 0.89
CA VAL A 5 -4.07 -7.55 1.76
C VAL A 5 -2.80 -6.81 2.08
N LEU A 6 -1.73 -7.57 2.25
CA LEU A 6 -0.42 -7.03 2.54
C LEU A 6 0.03 -6.09 1.41
N GLY A 7 -0.10 -6.58 0.18
CA GLY A 7 0.28 -5.77 -0.98
C GLY A 7 -0.69 -4.62 -1.20
N LEU A 8 -1.90 -4.76 -0.68
CA LEU A 8 -2.93 -3.75 -0.80
C LEU A 8 -2.64 -2.62 0.18
N VAL A 9 -2.17 -3.03 1.35
CA VAL A 9 -1.82 -2.14 2.43
C VAL A 9 -0.48 -1.49 2.12
N GLY A 10 0.46 -2.32 1.68
CA GLY A 10 1.75 -1.83 1.28
C GLY A 10 1.61 -0.98 0.05
N SER A 11 0.52 -1.20 -0.69
CA SER A 11 0.25 -0.42 -1.90
C SER A 11 -0.18 0.98 -1.50
N ALA A 12 -1.10 1.04 -0.52
CA ALA A 12 -1.59 2.31 -0.02
C ALA A 12 -0.53 2.96 0.85
N LEU A 13 0.29 2.14 1.50
CA LEU A 13 1.36 2.64 2.36
C LEU A 13 2.37 3.43 1.53
N GLY A 14 2.83 2.79 0.46
CA GLY A 14 3.76 3.44 -0.43
C GLY A 14 3.03 4.40 -1.34
N GLY A 15 1.72 4.18 -1.46
CA GLY A 15 0.89 5.04 -2.30
C GLY A 15 0.71 6.41 -1.70
N LEU A 16 0.82 6.51 -0.38
CA LEU A 16 0.68 7.78 0.30
C LEU A 16 1.95 8.59 0.13
N LEU A 17 3.06 7.87 -0.04
CA LEU A 17 4.35 8.51 -0.23
C LEU A 17 4.39 9.24 -1.56
N LYS A 18 3.85 8.60 -2.60
CA LYS A 18 3.81 9.19 -3.93
C LYS A 18 2.69 10.20 -4.05
N LYS A 19 1.47 9.77 -3.80
CA LYS A 19 0.33 10.65 -3.93
C LYS A 19 0.44 11.84 -2.98
N ILE A 20 0.28 13.02 -3.56
CA ILE A 20 0.36 14.26 -2.83
C ILE A 20 -0.87 14.47 -1.94
N ILE A 1 -0.12 -14.73 7.75
CA ILE A 1 -0.05 -14.06 6.42
C ILE A 1 -1.44 -13.80 5.86
N GLY A 3 -1.73 -12.38 2.68
CA GLY A 3 -1.60 -12.61 1.25
C GLY A 3 -1.80 -11.34 0.45
N PRO A 4 -3.03 -11.10 -0.06
CA PRO A 4 -3.33 -9.91 -0.84
C PRO A 4 -3.63 -8.69 0.02
N VAL A 5 -3.44 -8.83 1.33
CA VAL A 5 -3.68 -7.72 2.25
C VAL A 5 -2.44 -6.85 2.32
N LEU A 6 -1.30 -7.52 2.29
CA LEU A 6 -0.02 -6.87 2.33
C LEU A 6 0.14 -5.91 1.15
N GLY A 7 -0.16 -6.41 -0.04
CA GLY A 7 -0.07 -5.58 -1.24
C GLY A 7 -1.13 -4.50 -1.28
N LEU A 8 -2.23 -4.74 -0.58
CA LEU A 8 -3.33 -3.80 -0.50
C LEU A 8 -2.98 -2.65 0.43
N VAL A 9 -2.27 -3.01 1.48
CA VAL A 9 -1.83 -2.09 2.51
C VAL A 9 -0.62 -1.32 2.01
N GLY A 10 0.33 -2.06 1.46
CA GLY A 10 1.52 -1.47 0.91
C GLY A 10 1.19 -0.66 -0.32
N SER A 11 0.05 -0.99 -0.95
CA SER A 11 -0.37 -0.27 -2.13
C SER A 11 -0.93 1.10 -1.74
N ALA A 12 -1.72 1.10 -0.66
CA ALA A 12 -2.30 2.33 -0.15
C ALA A 12 -1.31 3.09 0.71
N LEU A 13 -0.40 2.35 1.36
CA LEU A 13 0.61 2.96 2.21
C LEU A 13 1.63 3.73 1.40
N GLY A 14 2.19 3.05 0.41
CA GLY A 14 3.16 3.67 -0.47
C GLY A 14 2.47 4.58 -1.46
N GLY A 15 1.18 4.36 -1.63
CA GLY A 15 0.40 5.16 -2.56
C GLY A 15 0.34 6.62 -2.17
N LEU A 16 -0.06 6.89 -0.94
CA LEU A 16 -0.16 8.25 -0.44
C LEU A 16 1.22 8.79 -0.11
N LEU A 17 2.13 7.88 0.21
CA LEU A 17 3.49 8.24 0.57
C LEU A 17 4.17 8.98 -0.59
N LYS A 18 4.12 8.38 -1.78
CA LYS A 18 4.73 8.98 -2.97
C LYS A 18 3.89 10.11 -3.51
N LYS A 19 2.59 9.90 -3.62
CA LYS A 19 1.73 10.92 -4.16
C LYS A 19 1.71 12.18 -3.31
N ILE A 20 1.67 13.32 -3.99
CA ILE A 20 1.68 14.61 -3.34
C ILE A 20 0.37 14.87 -2.60
N ILE A 1 0.27 -7.91 6.38
CA ILE A 1 0.99 -9.07 6.95
C ILE A 1 0.42 -10.39 6.43
N GLY A 3 -1.46 -12.06 3.07
CA GLY A 3 -0.93 -12.48 1.79
C GLY A 3 -1.45 -11.60 0.69
N PRO A 4 -2.74 -11.68 0.38
CA PRO A 4 -3.37 -10.86 -0.65
C PRO A 4 -3.81 -9.51 -0.11
N VAL A 5 -3.74 -9.35 1.22
CA VAL A 5 -4.10 -8.09 1.86
C VAL A 5 -2.92 -7.14 1.82
N LEU A 6 -1.75 -7.72 2.01
CA LEU A 6 -0.50 -6.99 1.99
C LEU A 6 -0.35 -6.24 0.67
N GLY A 7 -0.95 -6.77 -0.38
CA GLY A 7 -0.88 -6.14 -1.69
C GLY A 7 -1.83 -4.98 -1.80
N LEU A 8 -3.00 -5.13 -1.19
CA LEU A 8 -4.03 -4.09 -1.19
C LEU A 8 -3.66 -2.99 -0.19
N VAL A 9 -3.01 -3.41 0.88
CA VAL A 9 -2.57 -2.51 1.94
C VAL A 9 -1.34 -1.76 1.48
N GLY A 10 -0.36 -2.51 0.99
CA GLY A 10 0.84 -1.91 0.46
C GLY A 10 0.52 -1.12 -0.78
N SER A 11 -0.62 -1.44 -1.40
CA SER A 11 -1.06 -0.74 -2.60
C SER A 11 -1.40 0.69 -2.23
N ALA A 12 -2.21 0.85 -1.18
CA ALA A 12 -2.62 2.15 -0.71
C ALA A 12 -1.55 2.76 0.19
N LEU A 13 -0.79 1.89 0.86
CA LEU A 13 0.27 2.35 1.76
C LEU A 13 1.34 3.11 0.98
N GLY A 14 1.82 2.48 -0.09
CA GLY A 14 2.83 3.11 -0.92
C GLY A 14 2.22 4.26 -1.69
N GLY A 15 0.89 4.23 -1.82
CA GLY A 15 0.20 5.27 -2.54
C GLY A 15 0.29 6.61 -1.84
N LEU A 16 0.21 6.59 -0.52
CA LEU A 16 0.31 7.81 0.27
C LEU A 16 1.77 8.22 0.38
N LEU A 17 2.65 7.22 0.37
CA LEU A 17 4.06 7.47 0.46
C LEU A 17 4.55 8.32 -0.70
N LYS A 18 4.22 7.88 -1.91
CA LYS A 18 4.61 8.61 -3.11
C LYS A 18 3.95 9.97 -3.16
N LYS A 19 2.63 9.99 -3.07
CA LYS A 19 1.92 11.25 -3.13
C LYS A 19 2.27 12.16 -1.96
N ILE A 20 2.71 13.36 -2.30
CA ILE A 20 3.09 14.35 -1.31
C ILE A 20 1.90 14.84 -0.51
N ILE A 1 0.30 -14.07 7.04
CA ILE A 1 -1.09 -14.58 7.22
C ILE A 1 -1.92 -14.38 5.96
N GLY A 3 -2.02 -12.17 2.49
CA GLY A 3 -1.32 -12.33 1.23
C GLY A 3 -1.59 -11.15 0.33
N PRO A 4 -2.84 -11.00 -0.15
CA PRO A 4 -3.24 -9.89 -1.00
C PRO A 4 -3.59 -8.65 -0.18
N VAL A 5 -3.54 -8.80 1.15
CA VAL A 5 -3.84 -7.69 2.05
C VAL A 5 -2.59 -6.86 2.25
N LEU A 6 -1.47 -7.56 2.31
CA LEU A 6 -0.17 -6.94 2.49
C LEU A 6 0.12 -6.00 1.31
N GLY A 7 -0.06 -6.50 0.09
CA GLY A 7 0.18 -5.70 -1.09
C GLY A 7 -0.86 -4.61 -1.26
N LEU A 8 -2.03 -4.81 -0.65
CA LEU A 8 -3.12 -3.87 -0.71
C LEU A 8 -2.86 -2.70 0.25
N VAL A 9 -2.26 -3.05 1.36
CA VAL A 9 -1.93 -2.10 2.42
C VAL A 9 -0.69 -1.33 2.00
N GLY A 10 0.31 -2.08 1.54
CA GLY A 10 1.52 -1.47 1.06
C GLY A 10 1.23 -0.63 -0.15
N SER A 11 0.10 -0.92 -0.81
CA SER A 11 -0.32 -0.17 -1.98
C SER A 11 -0.82 1.19 -1.55
N ALA A 12 -1.62 1.20 -0.49
CA ALA A 12 -2.17 2.43 0.05
C ALA A 12 -1.13 3.15 0.92
N LEU A 13 -0.23 2.38 1.53
CA LEU A 13 0.79 2.95 2.39
C LEU A 13 1.78 3.76 1.56
N GLY A 14 2.31 3.13 0.51
CA GLY A 14 3.23 3.80 -0.36
C GLY A 14 2.50 4.76 -1.28
N GLY A 15 1.20 4.53 -1.42
CA GLY A 15 0.38 5.37 -2.26
C GLY A 15 0.27 6.79 -1.75
N LEU A 16 0.25 6.95 -0.44
CA LEU A 16 0.17 8.27 0.17
C LEU A 16 1.52 8.93 0.12
N LEU A 17 2.57 8.12 0.25
CA LEU A 17 3.92 8.63 0.22
C LEU A 17 4.30 9.10 -1.18
N LYS A 18 3.77 8.41 -2.18
CA LYS A 18 4.04 8.76 -3.58
C LYS A 18 3.24 9.97 -4.00
N LYS A 19 1.92 9.87 -3.95
CA LYS A 19 1.09 10.97 -4.37
C LYS A 19 1.30 12.19 -3.50
N ILE A 20 1.72 13.27 -4.14
CA ILE A 20 1.99 14.52 -3.47
C ILE A 20 0.74 15.07 -2.79
N ILE A 1 1.98 -9.29 5.68
CA ILE A 1 2.19 -10.76 5.50
C ILE A 1 0.92 -11.45 5.00
N GLY A 3 -0.47 -11.25 2.45
CA GLY A 3 -0.32 -11.64 1.06
C GLY A 3 -1.14 -10.75 0.15
N PRO A 4 -2.35 -11.18 -0.25
CA PRO A 4 -3.21 -10.38 -1.12
C PRO A 4 -3.77 -9.16 -0.40
N VAL A 5 -3.72 -9.20 0.93
CA VAL A 5 -4.20 -8.10 1.74
C VAL A 5 -3.08 -7.09 1.89
N LEU A 6 -1.88 -7.62 2.07
CA LEU A 6 -0.68 -6.82 2.21
C LEU A 6 -0.50 -5.91 1.01
N GLY A 7 -0.70 -6.48 -0.18
CA GLY A 7 -0.57 -5.70 -1.41
C GLY A 7 -1.68 -4.70 -1.56
N LEU A 8 -2.85 -5.03 -1.00
CA LEU A 8 -4.01 -4.17 -1.05
C LEU A 8 -3.86 -3.03 -0.05
N VAL A 9 -3.33 -3.39 1.10
CA VAL A 9 -3.12 -2.46 2.20
C VAL A 9 -1.90 -1.61 1.90
N GLY A 10 -0.82 -2.28 1.53
CA GLY A 10 0.39 -1.59 1.16
C GLY A 10 0.15 -0.76 -0.08
N SER A 11 -0.89 -1.13 -0.82
CA SER A 11 -1.26 -0.39 -2.02
C SER A 11 -1.79 0.98 -1.64
N ALA A 12 -2.69 0.99 -0.66
CA ALA A 12 -3.28 2.22 -0.17
C ALA A 12 -2.36 2.91 0.82
N LEU A 13 -1.58 2.11 1.56
CA LEU A 13 -0.65 2.65 2.54
C LEU A 13 0.52 3.33 1.86
N GLY A 14 1.14 2.62 0.92
CA GLY A 14 2.25 3.17 0.18
C GLY A 14 1.83 4.39 -0.59
N GLY A 15 0.52 4.51 -0.82
CA GLY A 15 -0.02 5.64 -1.54
C GLY A 15 0.33 6.96 -0.88
N LEU A 16 0.39 6.95 0.45
CA LEU A 16 0.74 8.15 1.20
C LEU A 16 2.23 8.38 1.13
N LEU A 17 2.96 7.27 1.01
CA LEU A 17 4.41 7.33 0.94
C LEU A 17 4.85 7.88 -0.42
N LYS A 18 4.13 7.51 -1.46
CA LYS A 18 4.43 7.96 -2.82
C LYS A 18 3.82 9.33 -3.13
N LYS A 19 3.11 9.89 -2.15
CA LYS A 19 2.42 11.18 -2.26
C LYS A 19 3.05 12.14 -3.29
N ILE A 20 2.93 11.78 -4.56
CA ILE A 20 3.47 12.60 -5.64
C ILE A 20 2.42 13.61 -6.13
N ILE A 1 1.33 -11.98 6.12
CA ILE A 1 0.26 -12.60 6.94
C ILE A 1 -1.06 -12.63 6.20
N GLY A 3 -1.65 -11.97 3.44
CA GLY A 3 -1.45 -12.41 2.07
C GLY A 3 -1.78 -11.32 1.06
N PRO A 4 -2.95 -11.40 0.39
CA PRO A 4 -3.36 -10.41 -0.60
C PRO A 4 -3.75 -9.07 0.04
N VAL A 5 -3.72 -9.03 1.37
CA VAL A 5 -4.06 -7.81 2.10
C VAL A 5 -2.81 -6.94 2.18
N LEU A 6 -1.68 -7.61 2.35
CA LEU A 6 -0.40 -6.95 2.43
C LEU A 6 -0.12 -6.15 1.17
N GLY A 7 -0.33 -6.78 0.02
CA GLY A 7 -0.12 -6.11 -1.25
C GLY A 7 -1.17 -5.05 -1.52
N LEU A 8 -2.33 -5.22 -0.89
CA LEU A 8 -3.43 -4.29 -1.03
C LEU A 8 -3.17 -3.04 -0.20
N VAL A 9 -2.59 -3.28 0.96
CA VAL A 9 -2.25 -2.24 1.91
C VAL A 9 -0.99 -1.53 1.44
N GLY A 10 0.01 -2.32 1.08
CA GLY A 10 1.23 -1.77 0.56
C GLY A 10 0.96 -1.02 -0.72
N SER A 11 -0.17 -1.34 -1.36
CA SER A 11 -0.56 -0.67 -2.59
C SER A 11 -0.89 0.79 -2.27
N ALA A 12 -1.70 0.97 -1.24
CA ALA A 12 -2.10 2.30 -0.81
C ALA A 12 -1.03 2.93 0.08
N LEU A 13 -0.26 2.08 0.77
CA LEU A 13 0.80 2.56 1.65
C LEU A 13 1.83 3.37 0.88
N GLY A 14 2.32 2.78 -0.21
CA GLY A 14 3.27 3.47 -1.04
C GLY A 14 2.59 4.51 -1.88
N GLY A 15 1.27 4.36 -2.03
CA GLY A 15 0.49 5.29 -2.82
C GLY A 15 0.39 6.66 -2.17
N LEU A 16 0.16 6.67 -0.87
CA LEU A 16 0.05 7.92 -0.13
C LEU A 16 1.43 8.49 0.11
N LEU A 17 2.38 7.58 0.37
CA LEU A 17 3.75 7.97 0.62
C LEU A 17 4.30 8.83 -0.50
N LYS A 18 4.10 8.38 -1.74
CA LYS A 18 4.58 9.11 -2.92
C LYS A 18 3.71 10.31 -3.19
N LYS A 19 2.41 10.19 -2.94
CA LYS A 19 1.51 11.29 -3.22
C LYS A 19 1.75 12.48 -2.31
N ILE A 20 1.66 13.65 -2.91
CA ILE A 20 1.88 14.90 -2.20
C ILE A 20 0.81 15.14 -1.14
N ILE A 1 0.90 -13.95 7.25
CA ILE A 1 0.82 -13.33 5.90
C ILE A 1 -0.62 -13.16 5.45
N GLY A 3 -1.41 -12.47 2.47
CA GLY A 3 -1.42 -12.69 1.04
C GLY A 3 -1.57 -11.40 0.26
N PRO A 4 -2.72 -11.16 -0.39
CA PRO A 4 -2.96 -9.95 -1.17
C PRO A 4 -3.47 -8.79 -0.32
N VAL A 5 -3.47 -8.96 1.01
CA VAL A 5 -3.92 -7.91 1.90
C VAL A 5 -2.77 -6.96 2.19
N LEU A 6 -1.60 -7.55 2.34
CA LEU A 6 -0.39 -6.81 2.61
C LEU A 6 -0.10 -5.83 1.48
N GLY A 7 -0.14 -6.32 0.26
CA GLY A 7 0.10 -5.47 -0.90
C GLY A 7 -1.02 -4.47 -1.12
N LEU A 8 -2.20 -4.80 -0.60
CA LEU A 8 -3.36 -3.96 -0.72
C LEU A 8 -3.25 -2.79 0.25
N VAL A 9 -2.73 -3.10 1.42
CA VAL A 9 -2.53 -2.14 2.48
C VAL A 9 -1.31 -1.29 2.16
N GLY A 10 -0.24 -1.96 1.79
CA GLY A 10 0.97 -1.28 1.39
C GLY A 10 0.73 -0.52 0.12
N SER A 11 -0.31 -0.93 -0.62
CA SER A 11 -0.66 -0.26 -1.86
C SER A 11 -1.26 1.11 -1.55
N ALA A 12 -2.13 1.13 -0.54
CA ALA A 12 -2.77 2.36 -0.11
C ALA A 12 -1.85 3.14 0.82
N LEU A 13 -1.02 2.43 1.57
CA LEU A 13 -0.09 3.08 2.50
C LEU A 13 1.01 3.78 1.73
N GLY A 14 1.66 3.04 0.83
CA GLY A 14 2.71 3.60 0.02
C GLY A 14 2.14 4.54 -1.01
N GLY A 15 0.84 4.36 -1.29
CA GLY A 15 0.17 5.20 -2.27
C GLY A 15 0.26 6.68 -1.95
N LEU A 16 0.05 7.02 -0.68
CA LEU A 16 0.14 8.41 -0.24
C LEU A 16 1.60 8.81 -0.11
N LEU A 17 2.44 7.83 0.19
CA LEU A 17 3.86 8.07 0.33
C LEU A 17 4.44 8.65 -0.95
N LYS A 18 4.23 7.93 -2.05
CA LYS A 18 4.72 8.36 -3.36
C LYS A 18 3.99 9.61 -3.83
N LYS A 19 2.67 9.52 -3.90
CA LYS A 19 1.89 10.64 -4.36
C LYS A 19 2.02 11.85 -3.45
N ILE A 20 2.43 12.96 -4.04
CA ILE A 20 2.63 14.19 -3.32
C ILE A 20 1.35 14.64 -2.63
N ILE A 1 0.75 -12.09 6.68
CA ILE A 1 -0.20 -13.20 6.90
C ILE A 1 -1.50 -13.00 6.12
N GLY A 3 -1.96 -12.12 3.41
CA GLY A 3 -1.82 -12.60 2.05
C GLY A 3 -2.03 -11.49 1.03
N PRO A 4 -3.21 -11.44 0.38
CA PRO A 4 -3.51 -10.41 -0.62
C PRO A 4 -3.86 -9.07 0.01
N VAL A 5 -3.84 -9.01 1.35
CA VAL A 5 -4.14 -7.77 2.05
C VAL A 5 -2.88 -6.93 2.16
N LEU A 6 -1.78 -7.62 2.42
CA LEU A 6 -0.47 -7.01 2.53
C LEU A 6 -0.13 -6.25 1.26
N GLY A 7 -0.29 -6.90 0.12
CA GLY A 7 0.00 -6.27 -1.16
C GLY A 7 -0.99 -5.16 -1.48
N LEU A 8 -2.18 -5.26 -0.92
CA LEU A 8 -3.23 -4.29 -1.13
C LEU A 8 -2.96 -3.05 -0.28
N VAL A 9 -2.48 -3.30 0.92
CA VAL A 9 -2.16 -2.27 1.88
C VAL A 9 -0.85 -1.61 1.51
N GLY A 10 0.16 -2.45 1.28
CA GLY A 10 1.45 -1.94 0.87
C GLY A 10 1.33 -1.27 -0.48
N SER A 11 0.26 -1.61 -1.20
CA SER A 11 0.00 -1.01 -2.50
C SER A 11 -0.36 0.45 -2.32
N ALA A 12 -1.30 0.70 -1.40
CA ALA A 12 -1.73 2.05 -1.11
C ALA A 12 -0.78 2.73 -0.13
N LEU A 13 -0.06 1.94 0.66
CA LEU A 13 0.88 2.48 1.64
C LEU A 13 1.89 3.38 0.95
N GLY A 14 2.53 2.86 -0.08
CA GLY A 14 3.50 3.62 -0.82
C GLY A 14 2.82 4.69 -1.64
N GLY A 15 1.53 4.49 -1.88
CA GLY A 15 0.75 5.44 -2.65
C GLY A 15 0.56 6.76 -1.93
N LEU A 16 0.57 6.71 -0.60
CA LEU A 16 0.42 7.90 0.21
C LEU A 16 1.74 8.65 0.24
N LEU A 17 2.83 7.90 0.12
CA LEU A 17 4.15 8.48 0.13
C LEU A 17 4.37 9.35 -1.10
N LYS A 18 3.97 8.83 -2.25
CA LYS A 18 4.12 9.55 -3.52
C LYS A 18 3.15 10.72 -3.59
N LYS A 19 1.93 10.51 -3.13
CA LYS A 19 0.93 11.55 -3.18
C LYS A 19 1.29 12.72 -2.28
N ILE A 20 1.11 13.92 -2.83
CA ILE A 20 1.40 15.15 -2.11
C ILE A 20 0.46 15.35 -0.93
N ILE A 1 1.29 -10.19 5.75
CA ILE A 1 0.89 -11.46 6.40
C ILE A 1 -0.47 -11.95 5.90
N GLY A 3 -1.46 -11.88 3.08
CA GLY A 3 -1.32 -12.42 1.73
C GLY A 3 -1.73 -11.41 0.69
N PRO A 4 -2.95 -11.53 0.11
CA PRO A 4 -3.44 -10.60 -0.90
C PRO A 4 -3.80 -9.24 -0.29
N VAL A 5 -3.80 -9.18 1.04
CA VAL A 5 -4.10 -7.94 1.74
C VAL A 5 -2.85 -7.10 1.83
N LEU A 6 -1.74 -7.80 2.04
CA LEU A 6 -0.43 -7.18 2.15
C LEU A 6 -0.13 -6.34 0.90
N GLY A 7 -0.71 -6.75 -0.23
CA GLY A 7 -0.51 -6.04 -1.47
C GLY A 7 -1.37 -4.80 -1.56
N LEU A 8 -2.56 -4.88 -0.99
CA LEU A 8 -3.51 -3.77 -0.97
C LEU A 8 -3.10 -2.74 0.08
N VAL A 9 -2.48 -3.25 1.13
CA VAL A 9 -2.02 -2.43 2.24
C VAL A 9 -0.75 -1.70 1.84
N GLY A 10 0.19 -2.46 1.29
CA GLY A 10 1.42 -1.89 0.82
C GLY A 10 1.15 -1.02 -0.40
N SER A 11 0.00 -1.29 -1.05
CA SER A 11 -0.39 -0.52 -2.22
C SER A 11 -0.97 0.82 -1.79
N ALA A 12 -1.75 0.78 -0.73
CA ALA A 12 -2.37 1.97 -0.18
C ALA A 12 -1.40 2.72 0.72
N LEU A 13 -0.50 1.98 1.37
CA LEU A 13 0.48 2.60 2.25
C LEU A 13 1.46 3.46 1.46
N GLY A 14 2.02 2.86 0.41
CA GLY A 14 2.93 3.59 -0.44
C GLY A 14 2.19 4.59 -1.29
N GLY A 15 0.89 4.36 -1.44
CA GLY A 15 0.06 5.24 -2.23
C GLY A 15 0.05 6.67 -1.72
N LEU A 16 -0.12 6.83 -0.41
CA LEU A 16 -0.13 8.14 0.21
C LEU A 16 1.28 8.66 0.33
N LEU A 17 2.22 7.73 0.54
CA LEU A 17 3.61 8.07 0.68
C LEU A 17 4.17 8.62 -0.63
N LYS A 18 3.84 7.95 -1.73
CA LYS A 18 4.29 8.36 -3.05
C LYS A 18 3.69 9.69 -3.45
N LYS A 19 2.37 9.76 -3.46
CA LYS A 19 1.71 10.99 -3.87
C LYS A 19 2.05 12.13 -2.94
N ILE A 20 2.50 13.22 -3.56
CA ILE A 20 2.89 14.42 -2.83
C ILE A 20 1.67 15.13 -2.24
N ILE A 1 -0.33 -9.85 7.09
CA ILE A 1 -0.13 -11.29 7.39
C ILE A 1 -0.87 -12.17 6.40
N GLY A 3 -2.40 -12.17 2.48
CA GLY A 3 -1.75 -12.36 1.19
C GLY A 3 -2.13 -11.25 0.25
N PRO A 4 -3.43 -11.13 -0.09
CA PRO A 4 -3.94 -10.10 -0.97
C PRO A 4 -4.21 -8.80 -0.21
N VAL A 5 -4.18 -8.87 1.13
CA VAL A 5 -4.41 -7.70 1.96
C VAL A 5 -3.11 -6.95 2.13
N LEU A 6 -2.05 -7.73 2.29
CA LEU A 6 -0.71 -7.19 2.45
C LEU A 6 -0.31 -6.36 1.23
N GLY A 7 -0.52 -6.93 0.04
CA GLY A 7 -0.19 -6.24 -1.18
C GLY A 7 -1.12 -5.07 -1.43
N LEU A 8 -2.31 -5.13 -0.87
CA LEU A 8 -3.31 -4.09 -1.01
C LEU A 8 -2.95 -2.91 -0.11
N VAL A 9 -2.47 -3.26 1.07
CA VAL A 9 -2.09 -2.30 2.08
C VAL A 9 -0.74 -1.71 1.72
N GLY A 10 0.20 -2.59 1.41
CA GLY A 10 1.51 -2.16 0.99
C GLY A 10 1.42 -1.42 -0.32
N SER A 11 0.31 -1.66 -1.03
CA SER A 11 0.08 -0.98 -2.31
C SER A 11 -0.21 0.50 -2.06
N ALA A 12 -1.11 0.74 -1.12
CA ALA A 12 -1.48 2.09 -0.75
C ALA A 12 -0.48 2.70 0.23
N LEU A 13 0.20 1.82 0.98
CA LEU A 13 1.19 2.28 1.95
C LEU A 13 2.25 3.14 1.28
N GLY A 14 2.81 2.59 0.21
CA GLY A 14 3.81 3.32 -0.55
C GLY A 14 3.16 4.39 -1.39
N GLY A 15 1.86 4.21 -1.63
CA GLY A 15 1.11 5.15 -2.43
C GLY A 15 0.80 6.44 -1.68
N LEU A 16 0.90 6.40 -0.35
CA LEU A 16 0.64 7.56 0.46
C LEU A 16 1.83 8.49 0.40
N LEU A 17 3.01 7.89 0.26
CA LEU A 17 4.24 8.64 0.18
C LEU A 17 4.32 9.40 -1.14
N LYS A 18 3.90 8.74 -2.21
CA LYS A 18 3.91 9.35 -3.53
C LYS A 18 2.80 10.36 -3.69
N LYS A 19 1.80 10.29 -2.82
CA LYS A 19 0.69 11.21 -2.91
C LYS A 19 1.08 12.63 -2.54
N ILE A 20 0.50 13.58 -3.27
CA ILE A 20 0.77 14.98 -3.06
C ILE A 20 0.14 15.50 -1.76
N ILE A 1 -0.15 -10.97 7.14
CA ILE A 1 -0.55 -12.40 7.17
C ILE A 1 -1.82 -12.63 6.34
N GLY A 3 -2.32 -12.14 3.52
CA GLY A 3 -1.95 -12.64 2.20
C GLY A 3 -2.08 -11.57 1.13
N PRO A 4 -3.24 -11.45 0.48
CA PRO A 4 -3.45 -10.45 -0.56
C PRO A 4 -3.77 -9.07 0.03
N VAL A 5 -3.75 -8.97 1.35
CA VAL A 5 -4.02 -7.71 2.02
C VAL A 5 -2.73 -6.90 2.07
N LEU A 6 -1.66 -7.63 2.35
CA LEU A 6 -0.33 -7.06 2.43
C LEU A 6 0.00 -6.28 1.15
N GLY A 7 -0.24 -6.93 0.01
CA GLY A 7 0.01 -6.30 -1.28
C GLY A 7 -0.96 -5.16 -1.55
N LEU A 8 -2.13 -5.24 -0.94
CA LEU A 8 -3.15 -4.22 -1.09
C LEU A 8 -2.81 -3.01 -0.24
N VAL A 9 -2.28 -3.29 0.93
CA VAL A 9 -1.88 -2.29 1.89
C VAL A 9 -0.57 -1.67 1.46
N GLY A 10 0.39 -2.52 1.15
CA GLY A 10 1.66 -2.05 0.66
C GLY A 10 1.49 -1.37 -0.68
N SER A 11 0.37 -1.70 -1.34
CA SER A 11 0.07 -1.09 -2.63
C SER A 11 -0.22 0.39 -2.44
N ALA A 12 -1.09 0.68 -1.48
CA ALA A 12 -1.45 2.05 -1.16
C ALA A 12 -0.41 2.68 -0.23
N LEU A 13 0.31 1.83 0.50
CA LEU A 13 1.34 2.31 1.43
C LEU A 13 2.34 3.20 0.71
N GLY A 14 2.87 2.68 -0.39
CA GLY A 14 3.82 3.43 -1.19
C GLY A 14 3.12 4.55 -1.92
N GLY A 15 1.81 4.40 -2.07
CA GLY A 15 1.01 5.40 -2.75
C GLY A 15 0.77 6.64 -1.91
N LEU A 16 0.93 6.49 -0.59
CA LEU A 16 0.74 7.60 0.32
C LEU A 16 1.96 8.50 0.27
N LEU A 17 3.11 7.89 0.01
CA LEU A 17 4.35 8.62 -0.09
C LEU A 17 4.34 9.53 -1.31
N LYS A 18 3.73 9.05 -2.38
CA LYS A 18 3.63 9.82 -3.61
C LYS A 18 2.64 10.96 -3.48
N LYS A 19 1.41 10.63 -3.15
CA LYS A 19 0.38 11.64 -3.02
C LYS A 19 0.71 12.63 -1.91
N ILE A 20 0.62 13.91 -2.25
CA ILE A 20 0.91 14.98 -1.32
C ILE A 20 -0.11 15.03 -0.20
N ILE A 1 0.65 -9.15 6.38
CA ILE A 1 0.77 -10.58 6.73
C ILE A 1 -0.41 -11.40 6.21
N GLY A 3 -1.15 -12.09 3.24
CA GLY A 3 -0.86 -12.49 1.87
C GLY A 3 -1.37 -11.48 0.86
N PRO A 4 -2.49 -11.79 0.15
CA PRO A 4 -3.05 -10.87 -0.85
C PRO A 4 -3.57 -9.58 -0.25
N VAL A 5 -3.61 -9.51 1.08
CA VAL A 5 -4.06 -8.32 1.78
C VAL A 5 -2.91 -7.34 1.90
N LEU A 6 -1.73 -7.92 2.10
CA LEU A 6 -0.50 -7.15 2.23
C LEU A 6 -0.28 -6.30 0.98
N GLY A 7 -0.76 -6.78 -0.15
CA GLY A 7 -0.60 -6.05 -1.40
C GLY A 7 -1.58 -4.90 -1.50
N LEU A 8 -2.75 -5.09 -0.91
CA LEU A 8 -3.80 -4.07 -0.91
C LEU A 8 -3.46 -2.98 0.11
N VAL A 9 -2.78 -3.39 1.16
CA VAL A 9 -2.38 -2.50 2.23
C VAL A 9 -1.17 -1.69 1.78
N GLY A 10 -0.19 -2.40 1.24
CA GLY A 10 0.99 -1.76 0.72
C GLY A 10 0.64 -1.00 -0.54
N SER A 11 -0.47 -1.40 -1.17
CA SER A 11 -0.93 -0.73 -2.38
C SER A 11 -1.30 0.71 -2.05
N ALA A 12 -2.05 0.87 -0.97
CA ALA A 12 -2.47 2.18 -0.51
C ALA A 12 -1.36 2.84 0.31
N LEU A 13 -0.54 2.00 0.95
CA LEU A 13 0.56 2.52 1.76
C LEU A 13 1.52 3.33 0.91
N GLY A 14 1.96 2.73 -0.19
CA GLY A 14 2.85 3.41 -1.09
C GLY A 14 2.16 4.55 -1.79
N GLY A 15 0.84 4.49 -1.80
CA GLY A 15 0.04 5.52 -2.44
C GLY A 15 0.27 6.89 -1.84
N LEU A 16 0.19 6.97 -0.52
CA LEU A 16 0.40 8.22 0.18
C LEU A 16 1.88 8.51 0.28
N LEU A 17 2.68 7.44 0.31
CA LEU A 17 4.12 7.55 0.41
C LEU A 17 4.67 8.38 -0.76
N LYS A 18 4.27 8.01 -1.96
CA LYS A 18 4.71 8.71 -3.17
C LYS A 18 3.98 10.03 -3.32
N LYS A 19 2.66 9.97 -3.34
CA LYS A 19 1.89 11.19 -3.51
C LYS A 19 2.09 12.16 -2.36
N ILE A 20 2.23 13.43 -2.72
CA ILE A 20 2.46 14.48 -1.75
C ILE A 20 1.19 14.79 -0.94
N ILE A 1 0.89 -10.85 6.48
CA ILE A 1 0.36 -12.19 6.83
C ILE A 1 -1.00 -12.44 6.18
N GLY A 3 -1.77 -11.96 3.34
CA GLY A 3 -1.59 -12.43 1.98
C GLY A 3 -1.91 -11.36 0.96
N PRO A 4 -3.12 -11.39 0.37
CA PRO A 4 -3.52 -10.40 -0.63
C PRO A 4 -3.87 -9.05 0.01
N VAL A 5 -3.84 -9.00 1.34
CA VAL A 5 -4.13 -7.77 2.06
C VAL A 5 -2.88 -6.92 2.14
N LEU A 6 -1.76 -7.62 2.31
CA LEU A 6 -0.46 -6.99 2.39
C LEU A 6 -0.18 -6.18 1.12
N GLY A 7 -0.40 -6.82 -0.03
CA GLY A 7 -0.19 -6.16 -1.30
C GLY A 7 -1.20 -5.04 -1.54
N LEU A 8 -2.36 -5.17 -0.92
CA LEU A 8 -3.43 -4.20 -1.03
C LEU A 8 -3.12 -2.98 -0.18
N VAL A 9 -2.58 -3.26 1.00
CA VAL A 9 -2.21 -2.25 1.97
C VAL A 9 -0.91 -1.60 1.54
N GLY A 10 0.07 -2.43 1.21
CA GLY A 10 1.33 -1.94 0.74
C GLY A 10 1.14 -1.24 -0.59
N SER A 11 0.03 -1.56 -1.26
CA SER A 11 -0.29 -0.93 -2.53
C SER A 11 -0.61 0.54 -2.31
N ALA A 12 -1.48 0.79 -1.33
CA ALA A 12 -1.87 2.15 -0.99
C ALA A 12 -0.85 2.79 -0.07
N LEU A 13 -0.10 1.96 0.67
CA LEU A 13 0.92 2.45 1.58
C LEU A 13 1.93 3.32 0.84
N GLY A 14 2.47 2.77 -0.23
CA GLY A 14 3.42 3.50 -1.04
C GLY A 14 2.71 4.58 -1.84
N GLY A 15 1.40 4.41 -2.00
CA GLY A 15 0.62 5.36 -2.75
C GLY A 15 0.47 6.68 -2.02
N LEU A 16 0.30 6.62 -0.70
CA LEU A 16 0.17 7.82 0.11
C LEU A 16 1.53 8.45 0.31
N LEU A 17 2.56 7.62 0.29
CA LEU A 17 3.92 8.09 0.47
C LEU A 17 4.31 9.03 -0.66
N LYS A 18 4.19 8.55 -1.89
CA LYS A 18 4.53 9.35 -3.06
C LYS A 18 3.59 10.52 -3.22
N LYS A 19 2.29 10.24 -3.23
CA LYS A 19 1.32 11.29 -3.41
C LYS A 19 1.37 12.30 -2.27
N ILE A 20 1.52 13.57 -2.65
CA ILE A 20 1.59 14.66 -1.70
C ILE A 20 0.24 14.92 -1.04
N ILE A 1 1.96 -11.31 6.98
CA ILE A 1 1.85 -12.78 6.72
C ILE A 1 0.78 -13.06 5.66
N GLY A 3 -0.79 -11.73 2.35
CA GLY A 3 -0.35 -11.92 0.99
C GLY A 3 -1.07 -10.98 0.05
N PRO A 4 -2.39 -11.16 -0.12
CA PRO A 4 -3.20 -10.30 -0.97
C PRO A 4 -3.63 -9.04 -0.25
N VAL A 5 -3.42 -9.00 1.06
CA VAL A 5 -3.77 -7.83 1.87
C VAL A 5 -2.64 -6.83 1.79
N LEU A 6 -1.42 -7.36 1.78
CA LEU A 6 -0.21 -6.57 1.69
C LEU A 6 -0.27 -5.67 0.45
N GLY A 7 -0.98 -6.12 -0.57
CA GLY A 7 -1.12 -5.35 -1.78
C GLY A 7 -2.13 -4.23 -1.64
N LEU A 8 -3.21 -4.52 -0.93
CA LEU A 8 -4.27 -3.55 -0.69
C LEU A 8 -3.85 -2.55 0.38
N VAL A 9 -3.05 -3.03 1.32
CA VAL A 9 -2.55 -2.22 2.41
C VAL A 9 -1.43 -1.33 1.91
N GLY A 10 -0.46 -1.96 1.23
CA GLY A 10 0.64 -1.22 0.67
C GLY A 10 0.14 -0.34 -0.45
N SER A 11 -1.03 -0.68 -0.99
CA SER A 11 -1.62 0.10 -2.07
C SER A 11 -2.08 1.44 -1.51
N ALA A 12 -2.77 1.39 -0.37
CA ALA A 12 -3.26 2.58 0.29
C ALA A 12 -2.17 3.23 1.13
N LEU A 13 -1.27 2.41 1.69
CA LEU A 13 -0.18 2.92 2.50
C LEU A 13 0.87 3.60 1.65
N GLY A 14 1.33 2.88 0.63
CA GLY A 14 2.32 3.44 -0.27
C GLY A 14 1.73 4.54 -1.11
N GLY A 15 0.41 4.54 -1.21
CA GLY A 15 -0.28 5.54 -1.99
C GLY A 15 -0.08 6.95 -1.44
N LEU A 16 -0.42 7.15 -0.17
CA LEU A 16 -0.26 8.44 0.46
C LEU A 16 1.19 8.66 0.83
N LEU A 17 1.91 7.55 1.04
CA LEU A 17 3.31 7.62 1.41
C LEU A 17 4.17 8.09 0.24
N LYS A 18 3.88 7.56 -0.94
CA LYS A 18 4.62 7.92 -2.15
C LYS A 18 4.07 9.20 -2.80
N LYS A 19 3.02 9.76 -2.20
CA LYS A 19 2.34 10.98 -2.68
C LYS A 19 3.25 11.92 -3.50
N ILE A 20 3.69 11.46 -4.66
CA ILE A 20 4.54 12.27 -5.52
C ILE A 20 3.69 13.07 -6.51
#